data_1VIS
#
_entry.id   1VIS
#
_cell.length_a   56.347
_cell.length_b   44.506
_cell.length_c   65.880
_cell.angle_alpha   90.00
_cell.angle_beta   103.09
_cell.angle_gamma   90.00
#
_symmetry.space_group_name_H-M   'P 1 21 1'
#
loop_
_entity.id
_entity.type
_entity.pdbx_description
1 polymer 'Mevalonate kinase'
2 non-polymer '1,4-DIETHYLENE DIOXIDE'
3 water water
#
_entity_poly.entity_id   1
_entity_poly.type   'polypeptide(L)'
_entity_poly.pdbx_seq_one_letter_code
;MSLIIETPSKVILFGEHAVVYGYRAISMAIDLTSTIEIKETQEDEIILNLNDLNKSLGLNLNEIKNINPNNFGDFKYCLC
AIKNTLDYLNIEPKTGFKINISSKIPISCGLGSSASITIGTIKAVSGFYNKELKDDEIAKLGYMVEKEIQGKASITDTST
ITYKGILEIKNNKFRKIKGEFEEFLKNCKFLIVYAEKRKKKTAELVNEVAKIENKDEIFKEIDKVIDEALKIKNKEDFGK
LMTKNHELLKKLNISTPKLDRIVDIGNRFGFGAKLTGAGGGGCVIILVNEEKEKELLKELNKEDVRIFNCRMMNEGGSHH
HHHH
;
_entity_poly.pdbx_strand_id   A
#
# COMPACT_ATOMS: atom_id res chain seq x y z
N SER A 2 -9.69 -19.52 14.83
CA SER A 2 -10.91 -18.98 14.13
C SER A 2 -10.99 -17.46 14.22
N LEU A 3 -9.86 -16.80 13.96
CA LEU A 3 -9.81 -15.35 14.03
C LEU A 3 -9.91 -14.75 12.63
N ILE A 4 -10.21 -13.46 12.62
CA ILE A 4 -10.32 -12.72 11.38
C ILE A 4 -9.40 -11.50 11.46
N ILE A 5 -8.50 -11.38 10.51
CA ILE A 5 -7.58 -10.27 10.49
C ILE A 5 -7.96 -9.30 9.36
N GLU A 6 -8.04 -8.02 9.71
CA GLU A 6 -8.37 -7.02 8.73
C GLU A 6 -7.18 -6.10 8.65
N THR A 7 -6.40 -6.27 7.59
CA THR A 7 -5.18 -5.49 7.43
C THR A 7 -5.37 -4.23 6.59
N PRO A 8 -4.82 -3.11 7.05
CA PRO A 8 -4.89 -1.80 6.37
C PRO A 8 -4.21 -1.77 4.99
N SER A 9 -4.42 -0.68 4.26
CA SER A 9 -3.80 -0.48 2.95
C SER A 9 -2.80 0.65 3.11
N LYS A 10 -2.18 1.08 2.02
CA LYS A 10 -1.18 2.12 2.12
C LYS A 10 -1.10 3.02 0.89
N VAL A 11 -0.77 4.29 1.11
CA VAL A 11 -0.65 5.26 0.01
C VAL A 11 0.46 6.27 0.27
N ILE A 12 1.20 6.63 -0.78
CA ILE A 12 2.26 7.63 -0.64
C ILE A 12 1.63 8.99 -0.90
N LEU A 13 1.78 9.89 0.07
CA LEU A 13 1.24 11.24 -0.03
C LEU A 13 2.19 12.14 -0.81
N PHE A 14 3.50 11.94 -0.63
CA PHE A 14 4.53 12.72 -1.29
C PHE A 14 5.82 11.91 -1.28
N GLY A 15 6.65 12.11 -2.31
CA GLY A 15 7.92 11.41 -2.37
C GLY A 15 8.06 10.23 -3.30
N GLU A 16 6.97 9.84 -3.95
CA GLU A 16 6.97 8.72 -4.88
C GLU A 16 8.30 8.15 -5.38
N HIS A 17 9.02 8.89 -6.21
CA HIS A 17 10.27 8.37 -6.76
C HIS A 17 11.55 8.89 -6.10
N ALA A 18 11.46 10.05 -5.47
CA ALA A 18 12.61 10.67 -4.81
C ALA A 18 13.17 9.81 -3.69
N VAL A 19 12.29 9.17 -2.93
CA VAL A 19 12.68 8.32 -1.80
C VAL A 19 13.84 7.44 -2.20
N VAL A 20 13.77 6.96 -3.43
CA VAL A 20 14.77 6.11 -4.03
C VAL A 20 16.18 6.74 -4.05
N TYR A 21 16.23 8.06 -4.01
CA TYR A 21 17.51 8.76 -4.05
C TYR A 21 17.89 9.47 -2.74
N GLY A 22 17.59 8.83 -1.61
CA GLY A 22 17.92 9.40 -0.32
C GLY A 22 16.96 10.46 0.20
N TYR A 23 15.91 10.76 -0.56
CA TYR A 23 14.93 11.73 -0.13
C TYR A 23 13.86 11.11 0.75
N ARG A 24 12.87 11.89 1.13
CA ARG A 24 11.80 11.43 2.02
C ARG A 24 10.51 11.02 1.32
N ALA A 25 9.81 10.07 1.92
CA ALA A 25 8.51 9.62 1.42
C ALA A 25 7.57 9.77 2.59
N ILE A 26 6.37 10.28 2.32
CA ILE A 26 5.36 10.44 3.34
C ILE A 26 4.30 9.41 3.00
N SER A 27 4.27 8.32 3.75
CA SER A 27 3.32 7.24 3.52
C SER A 27 2.19 7.17 4.54
N MET A 28 0.98 6.88 4.09
CA MET A 28 -0.13 6.83 4.99
C MET A 28 -1.00 5.59 4.88
N ALA A 29 -1.36 5.02 6.04
CA ALA A 29 -2.19 3.83 6.10
C ALA A 29 -3.64 4.24 5.84
N ILE A 30 -4.32 3.49 4.97
CA ILE A 30 -5.69 3.80 4.61
C ILE A 30 -6.70 2.68 4.82
N ASP A 31 -7.97 3.07 4.88
CA ASP A 31 -9.11 2.18 5.09
C ASP A 31 -9.22 0.93 4.27
N LEU A 32 -8.84 1.01 2.98
CA LEU A 32 -8.92 -0.17 2.12
C LEU A 32 -8.27 -1.38 2.78
N THR A 33 -9.08 -2.36 3.13
CA THR A 33 -8.53 -3.52 3.81
C THR A 33 -8.65 -4.84 3.10
N SER A 34 -7.83 -5.77 3.55
CA SER A 34 -7.85 -7.12 3.09
C SER A 34 -8.42 -7.78 4.35
N THR A 35 -8.97 -8.97 4.20
CA THR A 35 -9.54 -9.66 5.33
C THR A 35 -9.14 -11.10 5.18
N ILE A 36 -8.47 -11.61 6.21
CA ILE A 36 -8.01 -12.98 6.19
C ILE A 36 -8.57 -13.68 7.40
N GLU A 37 -9.22 -14.80 7.13
CA GLU A 37 -9.82 -15.62 8.18
C GLU A 37 -9.15 -16.98 8.18
N ILE A 38 -8.70 -17.41 9.36
CA ILE A 38 -8.05 -18.69 9.51
C ILE A 38 -8.77 -19.54 10.55
N LYS A 39 -8.96 -20.82 10.24
CA LYS A 39 -9.65 -21.72 11.15
C LYS A 39 -9.11 -23.12 10.98
N GLU A 40 -8.87 -23.81 12.09
CA GLU A 40 -8.37 -25.18 12.04
C GLU A 40 -9.41 -26.07 11.34
N THR A 41 -8.93 -27.10 10.65
CA THR A 41 -9.82 -27.99 9.92
C THR A 41 -9.81 -29.44 10.42
N GLN A 42 -8.61 -29.96 10.69
CA GLN A 42 -8.44 -31.33 11.14
C GLN A 42 -8.56 -32.30 9.97
N GLU A 43 -7.76 -32.03 8.93
CA GLU A 43 -7.75 -32.88 7.74
C GLU A 43 -6.31 -33.27 7.47
N ASP A 44 -5.38 -32.57 8.12
CA ASP A 44 -3.94 -32.81 8.00
C ASP A 44 -3.25 -32.09 6.85
N GLU A 45 -3.70 -30.88 6.59
CA GLU A 45 -3.14 -30.07 5.53
C GLU A 45 -3.55 -28.62 5.74
N ILE A 46 -2.99 -27.74 4.92
CA ILE A 46 -3.30 -26.32 5.01
C ILE A 46 -4.04 -25.93 3.75
N ILE A 47 -5.12 -25.18 3.91
CA ILE A 47 -5.90 -24.76 2.77
C ILE A 47 -5.97 -23.24 2.64
N LEU A 48 -5.65 -22.77 1.43
CA LEU A 48 -5.68 -21.35 1.14
C LEU A 48 -6.79 -21.11 0.14
N ASN A 49 -7.63 -20.13 0.41
CA ASN A 49 -8.70 -19.87 -0.52
C ASN A 49 -8.86 -18.39 -0.90
N LEU A 50 -8.70 -18.13 -2.18
CA LEU A 50 -8.84 -16.78 -2.71
C LEU A 50 -10.28 -16.62 -3.15
N ASN A 51 -11.06 -15.96 -2.30
CA ASN A 51 -12.48 -15.75 -2.56
C ASN A 51 -12.73 -14.90 -3.80
N ASP A 52 -12.08 -13.73 -3.84
CA ASP A 52 -12.23 -12.81 -4.97
C ASP A 52 -11.89 -13.46 -6.32
N LEU A 53 -10.97 -14.41 -6.31
CA LEU A 53 -10.58 -15.08 -7.54
C LEU A 53 -11.07 -16.50 -7.56
N ASN A 54 -11.89 -16.84 -6.57
CA ASN A 54 -12.44 -18.19 -6.48
C ASN A 54 -11.42 -19.30 -6.79
N LYS A 55 -10.21 -19.18 -6.25
CA LYS A 55 -9.15 -20.17 -6.44
C LYS A 55 -8.88 -20.85 -5.09
N SER A 56 -8.45 -22.10 -5.14
CA SER A 56 -8.19 -22.81 -3.91
C SER A 56 -6.90 -23.65 -3.98
N LEU A 57 -6.27 -23.88 -2.83
CA LEU A 57 -5.04 -24.68 -2.77
C LEU A 57 -4.87 -25.49 -1.48
N GLY A 58 -4.49 -26.75 -1.67
CA GLY A 58 -4.25 -27.65 -0.55
C GLY A 58 -2.83 -28.21 -0.54
N LEU A 59 -2.20 -28.17 0.62
CA LEU A 59 -0.83 -28.67 0.79
C LEU A 59 -0.69 -29.39 2.12
N ASN A 60 0.17 -30.40 2.14
CA ASN A 60 0.42 -31.17 3.35
C ASN A 60 1.28 -30.36 4.30
N LEU A 61 1.07 -30.57 5.59
CA LEU A 61 1.80 -29.87 6.64
C LEU A 61 3.32 -29.99 6.55
N ASN A 62 3.82 -30.97 5.80
CA ASN A 62 5.26 -31.16 5.68
C ASN A 62 5.88 -30.67 4.37
N GLU A 63 5.08 -29.95 3.59
CA GLU A 63 5.56 -29.40 2.32
C GLU A 63 5.76 -27.93 2.57
N ILE A 64 4.95 -27.43 3.49
CA ILE A 64 4.98 -26.03 3.90
C ILE A 64 6.34 -25.36 3.89
N LYS A 65 7.21 -25.77 4.82
CA LYS A 65 8.54 -25.18 4.95
C LYS A 65 9.48 -25.36 3.78
N ASN A 66 9.13 -26.24 2.85
CA ASN A 66 10.03 -26.47 1.75
C ASN A 66 9.56 -25.99 0.40
N ILE A 67 8.33 -25.49 0.34
CA ILE A 67 7.82 -25.01 -0.93
C ILE A 67 8.50 -23.72 -1.31
N ASN A 68 8.50 -23.44 -2.60
CA ASN A 68 9.07 -22.23 -3.14
C ASN A 68 7.84 -21.40 -3.55
N PRO A 69 7.72 -20.19 -2.99
CA PRO A 69 6.64 -19.23 -3.23
C PRO A 69 6.25 -18.96 -4.68
N ASN A 70 7.25 -18.65 -5.51
CA ASN A 70 6.99 -18.34 -6.91
C ASN A 70 6.57 -19.52 -7.79
N ASN A 71 6.19 -20.63 -7.16
CA ASN A 71 5.69 -21.78 -7.88
C ASN A 71 4.17 -21.77 -7.72
N PHE A 72 3.66 -20.85 -6.91
CA PHE A 72 2.22 -20.81 -6.65
C PHE A 72 1.41 -19.58 -7.00
N GLY A 73 1.76 -18.96 -8.13
CA GLY A 73 1.05 -17.77 -8.59
C GLY A 73 0.42 -16.87 -7.55
N ASP A 74 -0.87 -16.64 -7.73
CA ASP A 74 -1.64 -15.78 -6.86
C ASP A 74 -1.64 -16.06 -5.37
N PHE A 75 -1.26 -17.27 -4.98
CA PHE A 75 -1.19 -17.65 -3.57
C PHE A 75 0.18 -17.42 -2.93
N LYS A 76 1.17 -16.98 -3.71
CA LYS A 76 2.54 -16.84 -3.20
C LYS A 76 2.84 -16.00 -1.96
N TYR A 77 2.28 -14.81 -1.85
CA TYR A 77 2.55 -13.95 -0.70
C TYR A 77 2.03 -14.50 0.63
N CYS A 78 0.79 -14.94 0.61
CA CYS A 78 0.13 -15.50 1.78
C CYS A 78 0.85 -16.77 2.10
N LEU A 79 1.10 -17.55 1.07
CA LEU A 79 1.79 -18.82 1.23
C LEU A 79 3.09 -18.54 1.95
N CYS A 80 3.90 -17.67 1.35
CA CYS A 80 5.22 -17.31 1.89
C CYS A 80 5.13 -16.72 3.28
N ALA A 81 4.05 -16.02 3.58
CA ALA A 81 3.89 -15.44 4.90
C ALA A 81 3.74 -16.57 5.92
N ILE A 82 3.02 -17.62 5.53
CA ILE A 82 2.79 -18.75 6.40
C ILE A 82 4.09 -19.49 6.70
N LYS A 83 4.86 -19.78 5.65
CA LYS A 83 6.11 -20.48 5.82
C LYS A 83 7.09 -19.76 6.75
N ASN A 84 7.18 -18.45 6.61
CA ASN A 84 8.12 -17.67 7.41
C ASN A 84 7.72 -17.49 8.85
N THR A 85 6.43 -17.30 9.08
CA THR A 85 5.92 -17.11 10.42
C THR A 85 6.16 -18.39 11.19
N LEU A 86 5.92 -19.52 10.54
CA LEU A 86 6.12 -20.81 11.16
C LEU A 86 7.55 -21.04 11.61
N ASP A 87 8.49 -21.01 10.67
CA ASP A 87 9.86 -21.22 11.08
C ASP A 87 10.38 -20.08 11.96
N TYR A 88 9.73 -18.92 11.91
CA TYR A 88 10.17 -17.84 12.77
C TYR A 88 9.73 -18.20 14.18
N LEU A 89 8.51 -18.74 14.30
CA LEU A 89 7.98 -19.15 15.59
C LEU A 89 8.54 -20.52 15.92
N ASN A 90 9.28 -21.09 14.98
CA ASN A 90 9.89 -22.39 15.17
C ASN A 90 8.82 -23.42 15.51
N ILE A 91 7.71 -23.31 14.77
CA ILE A 91 6.57 -24.19 14.94
C ILE A 91 6.47 -25.13 13.75
N GLU A 92 6.07 -26.36 14.02
CA GLU A 92 5.89 -27.36 12.98
C GLU A 92 4.41 -27.75 13.02
N PRO A 93 3.66 -27.38 11.98
CA PRO A 93 2.23 -27.70 11.90
C PRO A 93 1.92 -29.15 12.24
N LYS A 94 1.18 -29.33 13.32
CA LYS A 94 0.80 -30.67 13.75
C LYS A 94 -0.60 -30.87 13.19
N THR A 95 -1.43 -29.85 13.40
CA THR A 95 -2.81 -29.89 12.92
C THR A 95 -3.01 -28.97 11.73
N GLY A 96 -4.11 -29.16 11.00
CA GLY A 96 -4.38 -28.35 9.83
C GLY A 96 -5.25 -27.12 10.06
N PHE A 97 -5.46 -26.35 9.00
CA PHE A 97 -6.30 -25.16 9.06
C PHE A 97 -6.55 -24.58 7.69
N LYS A 98 -7.52 -23.67 7.62
CA LYS A 98 -7.88 -23.05 6.37
C LYS A 98 -7.85 -21.55 6.51
N ILE A 99 -7.45 -20.89 5.44
CA ILE A 99 -7.39 -19.44 5.40
C ILE A 99 -8.24 -18.96 4.24
N ASN A 100 -9.08 -17.98 4.51
CA ASN A 100 -9.91 -17.40 3.49
C ASN A 100 -9.41 -16.00 3.25
N ILE A 101 -9.07 -15.71 2.00
CA ILE A 101 -8.53 -14.43 1.62
C ILE A 101 -9.46 -13.57 0.77
N SER A 102 -9.61 -12.32 1.18
CA SER A 102 -10.45 -11.37 0.45
C SER A 102 -9.92 -9.99 0.73
N SER A 103 -9.58 -9.27 -0.33
CA SER A 103 -9.07 -7.92 -0.20
C SER A 103 -9.99 -7.06 -1.03
N LYS A 104 -9.99 -5.77 -0.74
CA LYS A 104 -10.81 -4.81 -1.47
C LYS A 104 -9.87 -3.93 -2.27
N ILE A 105 -8.61 -3.98 -1.87
CA ILE A 105 -7.53 -3.21 -2.46
C ILE A 105 -7.11 -3.57 -3.88
N PRO A 106 -7.17 -2.60 -4.80
CA PRO A 106 -6.79 -2.83 -6.19
C PRO A 106 -5.34 -3.28 -6.24
N ILE A 107 -5.03 -4.19 -7.15
CA ILE A 107 -3.67 -4.71 -7.25
C ILE A 107 -2.78 -3.92 -8.21
N SER A 108 -1.48 -4.05 -7.98
CA SER A 108 -0.46 -3.42 -8.80
C SER A 108 -0.58 -1.93 -9.07
N CYS A 109 -1.15 -1.17 -8.13
CA CYS A 109 -1.24 0.26 -8.35
C CYS A 109 -0.71 1.06 -7.15
N GLY A 110 0.30 0.50 -6.50
CA GLY A 110 0.95 1.16 -5.36
C GLY A 110 0.18 1.36 -4.05
N LEU A 111 -0.77 0.48 -3.75
CA LEU A 111 -1.54 0.62 -2.51
C LEU A 111 -1.11 -0.40 -1.46
N GLY A 112 -0.12 -1.22 -1.84
CA GLY A 112 0.40 -2.24 -0.95
C GLY A 112 -0.52 -3.45 -0.84
N SER A 113 -1.17 -3.82 -1.94
CA SER A 113 -2.10 -4.96 -1.96
C SER A 113 -1.49 -6.25 -1.40
N SER A 114 -0.27 -6.57 -1.83
CA SER A 114 0.42 -7.77 -1.39
C SER A 114 0.83 -7.73 0.06
N ALA A 115 1.37 -6.58 0.49
CA ALA A 115 1.83 -6.44 1.86
C ALA A 115 0.71 -6.55 2.87
N SER A 116 -0.48 -6.12 2.47
CA SER A 116 -1.64 -6.18 3.34
C SER A 116 -2.00 -7.65 3.57
N ILE A 117 -1.94 -8.44 2.50
CA ILE A 117 -2.23 -9.86 2.56
C ILE A 117 -1.18 -10.52 3.43
N THR A 118 0.07 -10.11 3.23
CA THR A 118 1.19 -10.63 4.01
C THR A 118 1.07 -10.31 5.50
N ILE A 119 0.84 -9.04 5.81
CA ILE A 119 0.75 -8.62 7.20
C ILE A 119 -0.43 -9.26 7.92
N GLY A 120 -1.49 -9.56 7.16
CA GLY A 120 -2.65 -10.18 7.75
C GLY A 120 -2.47 -11.69 7.92
N THR A 121 -1.58 -12.28 7.15
CA THR A 121 -1.33 -13.71 7.22
C THR A 121 -0.39 -14.00 8.39
N ILE A 122 0.52 -13.06 8.64
CA ILE A 122 1.48 -13.18 9.72
C ILE A 122 0.74 -13.09 11.05
N LYS A 123 -0.10 -12.07 11.17
CA LYS A 123 -0.88 -11.88 12.37
C LYS A 123 -1.85 -13.05 12.58
N ALA A 124 -2.36 -13.59 11.47
CA ALA A 124 -3.31 -14.69 11.50
C ALA A 124 -2.67 -15.97 12.01
N VAL A 125 -1.56 -16.35 11.39
CA VAL A 125 -0.87 -17.57 11.77
C VAL A 125 -0.28 -17.50 13.16
N SER A 126 0.23 -16.33 13.54
CA SER A 126 0.79 -16.22 14.87
C SER A 126 -0.36 -16.40 15.91
N GLY A 127 -1.43 -15.61 15.75
CA GLY A 127 -2.56 -15.68 16.64
C GLY A 127 -3.24 -17.03 16.69
N PHE A 128 -3.26 -17.73 15.55
CA PHE A 128 -3.86 -19.06 15.49
C PHE A 128 -3.12 -19.97 16.45
N TYR A 129 -1.85 -19.65 16.72
CA TYR A 129 -1.02 -20.44 17.62
C TYR A 129 -0.85 -19.74 18.97
N ASN A 130 -1.63 -18.69 19.17
CA ASN A 130 -1.63 -17.92 20.40
C ASN A 130 -0.23 -17.49 20.82
N LYS A 131 0.53 -17.01 19.85
CA LYS A 131 1.87 -16.52 20.08
C LYS A 131 1.85 -15.19 19.35
N GLU A 132 2.05 -14.09 20.05
CA GLU A 132 2.03 -12.81 19.34
C GLU A 132 3.38 -12.14 19.18
N LEU A 133 3.47 -11.36 18.10
CA LEU A 133 4.68 -10.64 17.73
C LEU A 133 4.53 -9.14 17.85
N LYS A 134 5.64 -8.47 18.14
CA LYS A 134 5.66 -7.02 18.26
C LYS A 134 5.60 -6.49 16.84
N ASP A 135 5.04 -5.30 16.67
CA ASP A 135 4.95 -4.69 15.35
C ASP A 135 6.30 -4.73 14.67
N ASP A 136 7.33 -4.74 15.50
CA ASP A 136 8.73 -4.78 15.07
C ASP A 136 9.04 -6.08 14.33
N GLU A 137 8.61 -7.21 14.90
CA GLU A 137 8.85 -8.52 14.32
C GLU A 137 8.02 -8.75 13.06
N ILE A 138 6.79 -8.27 13.12
CA ILE A 138 5.85 -8.41 12.01
C ILE A 138 6.32 -7.61 10.79
N ALA A 139 6.70 -6.36 11.00
CA ALA A 139 7.18 -5.51 9.93
C ALA A 139 8.34 -6.17 9.18
N LYS A 140 9.26 -6.79 9.91
CA LYS A 140 10.41 -7.44 9.31
C LYS A 140 10.02 -8.73 8.59
N LEU A 141 9.09 -9.48 9.16
CA LEU A 141 8.63 -10.70 8.51
C LEU A 141 7.95 -10.34 7.19
N GLY A 142 7.25 -9.21 7.15
CA GLY A 142 6.61 -8.82 5.92
C GLY A 142 7.67 -8.43 4.91
N TYR A 143 8.59 -7.59 5.35
CA TYR A 143 9.67 -7.13 4.51
C TYR A 143 10.45 -8.31 3.91
N MET A 144 10.66 -9.35 4.71
CA MET A 144 11.38 -10.52 4.24
C MET A 144 10.62 -11.35 3.25
N VAL A 145 9.28 -11.32 3.37
CA VAL A 145 8.41 -12.06 2.46
C VAL A 145 8.53 -11.40 1.06
N GLU A 146 8.60 -10.08 1.05
CA GLU A 146 8.70 -9.32 -0.17
C GLU A 146 10.04 -9.60 -0.82
N LYS A 147 11.10 -9.43 -0.03
CA LYS A 147 12.46 -9.66 -0.47
C LYS A 147 12.59 -11.07 -1.03
N GLU A 148 12.05 -12.04 -0.29
CA GLU A 148 12.12 -13.42 -0.74
C GLU A 148 11.45 -13.64 -2.09
N ILE A 149 10.32 -12.98 -2.31
CA ILE A 149 9.57 -13.14 -3.55
C ILE A 149 10.10 -12.32 -4.75
N GLN A 150 10.43 -11.05 -4.49
CA GLN A 150 10.88 -10.13 -5.52
C GLN A 150 12.39 -10.00 -5.65
N GLY A 151 13.14 -10.58 -4.73
CA GLY A 151 14.59 -10.46 -4.79
C GLY A 151 15.01 -9.29 -3.91
N LYS A 152 14.22 -8.22 -3.95
CA LYS A 152 14.49 -7.04 -3.13
C LYS A 152 13.23 -6.43 -2.56
N ALA A 153 13.40 -5.50 -1.63
CA ALA A 153 12.25 -4.87 -1.01
C ALA A 153 12.57 -3.55 -0.30
N SER A 154 11.51 -2.78 -0.09
CA SER A 154 11.56 -1.50 0.62
C SER A 154 10.62 -1.67 1.83
N ILE A 155 10.91 -1.00 2.94
CA ILE A 155 10.10 -1.14 4.14
C ILE A 155 8.74 -0.48 4.05
N THR A 156 8.66 0.51 3.18
CA THR A 156 7.46 1.31 2.98
C THR A 156 6.11 0.62 3.15
N ASP A 157 5.80 -0.33 2.28
CA ASP A 157 4.51 -1.00 2.38
C ASP A 157 4.28 -1.71 3.69
N THR A 158 5.21 -2.59 4.03
CA THR A 158 5.11 -3.40 5.24
C THR A 158 5.18 -2.59 6.53
N SER A 159 6.07 -1.62 6.58
CA SER A 159 6.18 -0.82 7.79
C SER A 159 4.93 0.03 7.94
N THR A 160 4.53 0.67 6.85
CA THR A 160 3.36 1.53 6.84
C THR A 160 2.09 0.83 7.29
N ILE A 161 1.90 -0.38 6.77
CA ILE A 161 0.72 -1.17 7.08
C ILE A 161 0.78 -1.82 8.47
N THR A 162 1.99 -2.00 8.99
CA THR A 162 2.16 -2.60 10.32
C THR A 162 2.04 -1.58 11.45
N TYR A 163 2.70 -0.44 11.31
CA TYR A 163 2.67 0.59 12.35
C TYR A 163 1.49 1.53 12.21
N LYS A 164 0.80 1.46 11.08
CA LYS A 164 -0.36 2.30 10.80
C LYS A 164 -0.04 3.80 10.96
N GLY A 165 -1.00 4.64 10.59
CA GLY A 165 -0.78 6.07 10.71
C GLY A 165 -0.08 6.68 9.51
N ILE A 166 0.80 7.65 9.80
CA ILE A 166 1.56 8.36 8.78
C ILE A 166 3.05 8.20 9.08
N LEU A 167 3.81 7.71 8.10
CA LEU A 167 5.22 7.53 8.31
C LEU A 167 6.05 8.35 7.35
N GLU A 168 7.27 8.65 7.78
CA GLU A 168 8.21 9.38 6.97
C GLU A 168 9.23 8.32 6.64
N ILE A 169 9.42 8.07 5.36
CA ILE A 169 10.40 7.08 4.92
C ILE A 169 11.60 7.79 4.33
N LYS A 170 12.80 7.38 4.77
CA LYS A 170 14.03 7.97 4.26
C LYS A 170 15.09 6.89 4.25
N ASN A 171 15.78 6.79 3.11
CA ASN A 171 16.81 5.77 2.93
C ASN A 171 16.15 4.40 3.09
N ASN A 172 16.15 3.86 4.31
CA ASN A 172 15.49 2.56 4.54
C ASN A 172 15.06 2.44 5.99
N LYS A 173 14.80 3.59 6.60
CA LYS A 173 14.37 3.63 7.97
C LYS A 173 13.16 4.56 8.01
N PHE A 174 12.28 4.37 8.98
CA PHE A 174 11.09 5.20 9.06
C PHE A 174 11.05 6.09 10.28
N ARG A 175 10.14 7.06 10.24
CA ARG A 175 9.93 8.00 11.33
C ARG A 175 8.42 8.19 11.47
N LYS A 176 7.87 7.80 12.61
CA LYS A 176 6.44 7.95 12.83
C LYS A 176 6.09 9.43 12.99
N ILE A 177 4.94 9.83 12.45
CA ILE A 177 4.53 11.23 12.51
C ILE A 177 3.23 11.44 13.30
N LYS A 178 3.35 12.21 14.39
CA LYS A 178 2.20 12.52 15.25
C LYS A 178 1.88 14.02 15.13
N GLY A 179 1.62 14.67 16.26
CA GLY A 179 1.33 16.09 16.25
C GLY A 179 0.16 16.61 15.43
N GLU A 180 0.26 17.89 15.06
CA GLU A 180 -0.79 18.56 14.28
C GLU A 180 -0.96 17.94 12.89
N PHE A 181 0.12 17.49 12.28
CA PHE A 181 0.00 16.90 10.96
C PHE A 181 -0.87 15.64 10.98
N GLU A 182 -0.63 14.79 11.97
CA GLU A 182 -1.40 13.56 12.12
C GLU A 182 -2.83 13.93 12.48
N GLU A 183 -2.96 14.97 13.31
CA GLU A 183 -4.26 15.44 13.74
C GLU A 183 -5.05 15.92 12.52
N PHE A 184 -4.43 16.81 11.74
CA PHE A 184 -5.03 17.36 10.54
C PHE A 184 -5.51 16.30 9.56
N LEU A 185 -4.73 15.23 9.41
CA LEU A 185 -5.10 14.17 8.47
C LEU A 185 -6.27 13.34 8.98
N LYS A 186 -6.40 13.21 10.30
CA LYS A 186 -7.52 12.45 10.86
C LYS A 186 -8.79 13.15 10.39
N ASN A 187 -8.64 14.42 10.00
CA ASN A 187 -9.74 15.27 9.53
C ASN A 187 -9.96 15.34 8.02
N CYS A 188 -9.21 14.56 7.25
CA CYS A 188 -9.35 14.60 5.80
C CYS A 188 -9.94 13.35 5.19
N LYS A 189 -10.84 13.54 4.23
CA LYS A 189 -11.42 12.40 3.52
C LYS A 189 -10.78 12.38 2.14
N PHE A 190 -10.22 11.24 1.75
CA PHE A 190 -9.55 11.14 0.47
C PHE A 190 -10.32 10.20 -0.44
N LEU A 191 -9.89 10.16 -1.70
CA LEU A 191 -10.48 9.28 -2.69
C LEU A 191 -9.36 8.69 -3.54
N ILE A 192 -9.38 7.38 -3.65
CA ILE A 192 -8.41 6.67 -4.48
C ILE A 192 -9.19 6.41 -5.74
N VAL A 193 -8.67 6.87 -6.86
CA VAL A 193 -9.37 6.64 -8.12
C VAL A 193 -8.48 5.81 -9.01
N TYR A 194 -8.90 4.59 -9.30
CA TYR A 194 -8.14 3.71 -10.16
C TYR A 194 -8.40 4.13 -11.62
N ALA A 195 -7.70 5.18 -12.04
CA ALA A 195 -7.82 5.72 -13.39
C ALA A 195 -7.63 4.65 -14.47
N GLU A 196 -6.43 4.08 -14.54
CA GLU A 196 -6.15 3.05 -15.52
C GLU A 196 -5.16 2.02 -14.98
N LYS A 197 -5.11 0.86 -15.65
CA LYS A 197 -4.22 -0.22 -15.27
C LYS A 197 -2.76 0.15 -15.55
N ARG A 198 -1.84 -0.52 -14.86
CA ARG A 198 -0.42 -0.23 -15.03
C ARG A 198 0.24 -1.31 -15.91
N LYS A 199 0.31 -1.03 -17.20
CA LYS A 199 0.90 -1.94 -18.17
C LYS A 199 2.42 -2.06 -18.07
N LYS A 200 3.02 -1.30 -17.16
CA LYS A 200 4.47 -1.32 -17.02
C LYS A 200 4.89 -1.77 -15.62
N LYS A 201 6.09 -2.35 -15.52
CA LYS A 201 6.61 -2.81 -14.23
C LYS A 201 7.21 -1.63 -13.48
N THR A 202 7.00 -1.61 -12.16
CA THR A 202 7.51 -0.54 -11.32
C THR A 202 9.01 -0.27 -11.48
N ALA A 203 9.81 -1.32 -11.63
CA ALA A 203 11.25 -1.11 -11.81
C ALA A 203 11.49 -0.45 -13.16
N GLU A 204 10.67 -0.81 -14.13
CA GLU A 204 10.74 -0.28 -15.49
C GLU A 204 10.54 1.24 -15.46
N LEU A 205 9.68 1.70 -14.57
CA LEU A 205 9.40 3.13 -14.43
C LEU A 205 10.54 3.80 -13.67
N VAL A 206 11.08 3.09 -12.69
CA VAL A 206 12.18 3.65 -11.93
C VAL A 206 13.32 3.99 -12.89
N ASN A 207 13.54 3.10 -13.86
CA ASN A 207 14.59 3.28 -14.86
C ASN A 207 14.32 4.48 -15.76
N GLU A 208 13.05 4.74 -16.03
CA GLU A 208 12.66 5.88 -16.87
C GLU A 208 12.79 7.19 -16.12
N VAL A 209 12.82 7.12 -14.80
CA VAL A 209 12.95 8.29 -13.96
C VAL A 209 14.45 8.52 -13.80
N ALA A 210 15.21 7.43 -13.72
CA ALA A 210 16.65 7.47 -13.58
C ALA A 210 17.24 8.12 -14.84
N LYS A 211 16.63 7.81 -15.99
CA LYS A 211 17.08 8.34 -17.26
C LYS A 211 16.54 9.75 -17.51
N ILE A 212 16.62 10.60 -16.49
CA ILE A 212 16.18 12.00 -16.59
C ILE A 212 17.25 12.89 -15.98
N GLU A 213 17.58 13.98 -16.68
CA GLU A 213 18.59 14.91 -16.20
C GLU A 213 18.09 15.77 -15.05
N ASN A 214 17.02 16.49 -15.34
CA ASN A 214 16.41 17.39 -14.37
C ASN A 214 15.93 16.67 -13.11
N LYS A 215 15.98 15.34 -13.11
CA LYS A 215 15.52 14.55 -11.98
C LYS A 215 15.84 15.08 -10.57
N ASP A 216 17.13 15.26 -10.27
CA ASP A 216 17.54 15.71 -8.95
C ASP A 216 16.94 17.05 -8.52
N GLU A 217 17.00 18.03 -9.41
CA GLU A 217 16.46 19.35 -9.10
C GLU A 217 14.97 19.22 -8.82
N ILE A 218 14.35 18.22 -9.46
CA ILE A 218 12.93 17.94 -9.28
C ILE A 218 12.72 17.36 -7.89
N PHE A 219 13.56 16.38 -7.53
CA PHE A 219 13.48 15.76 -6.21
C PHE A 219 13.60 16.79 -5.08
N LYS A 220 14.48 17.78 -5.29
CA LYS A 220 14.70 18.84 -4.29
C LYS A 220 13.45 19.67 -4.10
N GLU A 221 12.77 19.96 -5.20
CA GLU A 221 11.53 20.74 -5.13
C GLU A 221 10.50 19.85 -4.46
N ILE A 222 10.57 18.56 -4.75
CA ILE A 222 9.68 17.58 -4.16
C ILE A 222 9.88 17.51 -2.63
N ASP A 223 11.12 17.66 -2.19
CA ASP A 223 11.42 17.59 -0.76
C ASP A 223 11.01 18.89 -0.05
N LYS A 224 11.08 20.02 -0.75
CA LYS A 224 10.69 21.30 -0.18
C LYS A 224 9.18 21.33 0.00
N VAL A 225 8.48 20.55 -0.80
CA VAL A 225 7.03 20.44 -0.76
C VAL A 225 6.63 19.66 0.49
N ILE A 226 7.50 18.74 0.90
CA ILE A 226 7.24 17.96 2.08
C ILE A 226 7.51 18.87 3.27
N ASP A 227 8.61 19.63 3.21
CA ASP A 227 8.90 20.54 4.30
C ASP A 227 7.62 21.30 4.60
N GLU A 228 7.08 21.95 3.57
CA GLU A 228 5.85 22.72 3.70
C GLU A 228 4.64 21.91 4.11
N ALA A 229 4.48 20.74 3.49
CA ALA A 229 3.34 19.88 3.79
C ALA A 229 3.33 19.53 5.27
N LEU A 230 4.46 19.06 5.78
CA LEU A 230 4.57 18.68 7.18
C LEU A 230 4.05 19.77 8.12
N LYS A 231 4.22 21.03 7.72
CA LYS A 231 3.80 22.16 8.54
C LYS A 231 2.47 22.80 8.15
N ILE A 232 1.70 22.18 7.25
CA ILE A 232 0.44 22.79 6.82
C ILE A 232 -0.74 22.59 7.77
N LYS A 233 -1.65 23.57 7.75
CA LYS A 233 -2.82 23.55 8.62
C LYS A 233 -4.20 23.36 7.97
N ASN A 234 -4.40 23.89 6.77
CA ASN A 234 -5.69 23.75 6.12
C ASN A 234 -5.70 22.90 4.85
N LYS A 235 -6.83 22.25 4.59
CA LYS A 235 -6.98 21.39 3.42
C LYS A 235 -6.86 22.16 2.11
N GLU A 236 -7.09 23.46 2.15
CA GLU A 236 -7.00 24.30 0.96
C GLU A 236 -5.54 24.42 0.51
N ASP A 237 -4.67 24.65 1.49
CA ASP A 237 -3.23 24.78 1.26
C ASP A 237 -2.62 23.42 0.94
N PHE A 238 -3.06 22.41 1.69
CA PHE A 238 -2.58 21.04 1.54
C PHE A 238 -2.93 20.50 0.17
N GLY A 239 -4.17 20.72 -0.25
CA GLY A 239 -4.61 20.23 -1.55
C GLY A 239 -3.68 20.74 -2.64
N LYS A 240 -3.45 22.03 -2.67
CA LYS A 240 -2.57 22.63 -3.68
C LYS A 240 -1.18 22.02 -3.65
N LEU A 241 -0.64 21.76 -2.46
CA LEU A 241 0.66 21.13 -2.34
C LEU A 241 0.67 19.75 -2.99
N MET A 242 -0.47 19.07 -2.92
CA MET A 242 -0.60 17.74 -3.52
C MET A 242 -0.52 17.91 -5.02
N THR A 243 -1.19 18.93 -5.52
CA THR A 243 -1.24 19.22 -6.93
C THR A 243 0.11 19.62 -7.49
N LYS A 244 0.90 20.30 -6.66
CA LYS A 244 2.21 20.76 -7.04
C LYS A 244 3.15 19.56 -7.18
N ASN A 245 3.07 18.64 -6.22
CA ASN A 245 3.92 17.45 -6.26
C ASN A 245 3.55 16.70 -7.52
N HIS A 246 2.26 16.71 -7.86
CA HIS A 246 1.84 16.02 -9.06
C HIS A 246 2.48 16.64 -10.30
N GLU A 247 2.54 17.97 -10.34
CA GLU A 247 3.12 18.66 -11.48
C GLU A 247 4.59 18.30 -11.63
N LEU A 248 5.21 17.95 -10.51
CA LEU A 248 6.61 17.56 -10.52
C LEU A 248 6.72 16.16 -11.07
N LEU A 249 5.91 15.23 -10.54
CA LEU A 249 5.95 13.86 -11.01
C LEU A 249 5.74 13.88 -12.51
N LYS A 250 4.93 14.84 -12.95
CA LYS A 250 4.65 15.02 -14.36
C LYS A 250 5.94 15.34 -15.12
N LYS A 251 6.88 16.00 -14.45
CA LYS A 251 8.16 16.36 -15.05
C LYS A 251 9.08 15.15 -15.18
N LEU A 252 8.66 14.02 -14.63
CA LEU A 252 9.44 12.80 -14.70
C LEU A 252 8.75 11.92 -15.72
N ASN A 253 7.82 12.55 -16.44
CA ASN A 253 6.99 11.93 -17.47
C ASN A 253 6.63 10.48 -17.22
N ILE A 254 6.20 10.22 -15.99
CA ILE A 254 5.75 8.90 -15.59
C ILE A 254 4.26 9.07 -15.35
N SER A 255 3.72 10.21 -15.75
CA SER A 255 2.31 10.45 -15.60
C SER A 255 1.67 10.13 -16.94
N THR A 256 0.34 10.10 -16.96
CA THR A 256 -0.36 9.79 -18.18
C THR A 256 -1.53 10.72 -18.38
N PRO A 257 -2.00 10.82 -19.63
CA PRO A 257 -3.14 11.69 -19.96
C PRO A 257 -4.38 11.34 -19.12
N LYS A 258 -4.54 10.06 -18.80
CA LYS A 258 -5.68 9.63 -18.01
C LYS A 258 -5.56 10.09 -16.56
N LEU A 259 -4.35 10.05 -16.02
CA LEU A 259 -4.11 10.49 -14.64
C LEU A 259 -4.29 12.00 -14.53
N ASP A 260 -3.78 12.71 -15.54
CA ASP A 260 -3.87 14.16 -15.51
C ASP A 260 -5.30 14.63 -15.48
N ARG A 261 -6.16 14.00 -16.29
CA ARG A 261 -7.58 14.34 -16.33
C ARG A 261 -8.16 14.19 -14.92
N ILE A 262 -7.88 13.06 -14.31
CA ILE A 262 -8.37 12.77 -12.96
C ILE A 262 -7.86 13.80 -11.96
N VAL A 263 -6.61 14.21 -12.12
CA VAL A 263 -6.02 15.18 -11.22
C VAL A 263 -6.70 16.53 -11.39
N ASP A 264 -7.07 16.85 -12.63
CA ASP A 264 -7.75 18.11 -12.93
C ASP A 264 -9.04 18.20 -12.14
N ILE A 265 -9.88 17.19 -12.31
CA ILE A 265 -11.16 17.12 -11.63
C ILE A 265 -10.88 17.29 -10.13
N GLY A 266 -9.77 16.73 -9.68
CA GLY A 266 -9.40 16.84 -8.28
C GLY A 266 -9.08 18.24 -7.78
N ASN A 267 -8.40 19.04 -8.61
CA ASN A 267 -8.02 20.39 -8.21
C ASN A 267 -9.22 21.32 -8.22
N ARG A 268 -10.09 21.11 -9.19
CA ARG A 268 -11.28 21.92 -9.37
C ARG A 268 -12.41 21.57 -8.39
N PHE A 269 -12.87 20.33 -8.40
CA PHE A 269 -13.97 19.90 -7.53
C PHE A 269 -13.58 19.44 -6.12
N GLY A 270 -12.28 19.48 -5.83
CA GLY A 270 -11.79 19.07 -4.53
C GLY A 270 -10.82 20.11 -4.00
N PHE A 271 -9.86 19.69 -3.18
CA PHE A 271 -8.87 20.63 -2.64
C PHE A 271 -7.52 20.51 -3.36
N GLY A 272 -7.41 19.48 -4.19
CA GLY A 272 -6.17 19.24 -4.91
C GLY A 272 -6.08 17.75 -5.15
N ALA A 273 -5.14 17.33 -6.00
CA ALA A 273 -5.02 15.92 -6.30
C ALA A 273 -3.66 15.59 -6.89
N LYS A 274 -3.26 14.33 -6.77
CA LYS A 274 -1.98 13.88 -7.32
C LYS A 274 -1.96 12.36 -7.45
N LEU A 275 -1.23 11.86 -8.43
CA LEU A 275 -1.15 10.42 -8.61
C LEU A 275 -0.35 9.88 -7.42
N THR A 276 -0.41 8.58 -7.20
CA THR A 276 0.30 7.94 -6.09
C THR A 276 1.08 6.71 -6.51
N GLY A 277 2.36 6.66 -6.13
CA GLY A 277 3.22 5.54 -6.49
C GLY A 277 3.93 5.74 -7.81
N ALA A 278 4.48 4.67 -8.39
CA ALA A 278 5.16 4.77 -9.66
C ALA A 278 4.13 5.27 -10.66
N GLY A 279 4.58 5.91 -11.72
CA GLY A 279 3.63 6.41 -12.69
C GLY A 279 3.05 5.37 -13.63
N GLY A 280 2.91 5.74 -14.91
CA GLY A 280 2.37 4.83 -15.91
C GLY A 280 1.05 4.19 -15.55
N GLY A 281 0.05 5.00 -15.19
CA GLY A 281 -1.24 4.45 -14.82
C GLY A 281 -1.34 4.29 -13.31
N GLY A 282 -2.41 3.64 -12.84
CA GLY A 282 -2.57 3.44 -11.42
C GLY A 282 -3.66 4.27 -10.77
N CYS A 283 -3.38 4.82 -9.59
CA CYS A 283 -4.39 5.63 -8.90
C CYS A 283 -3.97 7.08 -8.74
N VAL A 284 -4.98 7.91 -8.52
CA VAL A 284 -4.75 9.32 -8.26
C VAL A 284 -5.43 9.49 -6.92
N ILE A 285 -4.79 10.14 -5.96
CA ILE A 285 -5.42 10.33 -4.67
C ILE A 285 -5.94 11.76 -4.57
N ILE A 286 -7.19 11.90 -4.18
CA ILE A 286 -7.80 13.22 -4.10
C ILE A 286 -8.27 13.65 -2.72
N LEU A 287 -7.84 14.82 -2.28
CA LEU A 287 -8.30 15.29 -0.98
C LEU A 287 -9.70 15.84 -1.21
N VAL A 288 -10.67 15.21 -0.56
CA VAL A 288 -12.06 15.58 -0.67
C VAL A 288 -12.40 16.91 -0.01
N ASN A 289 -13.22 17.70 -0.70
CA ASN A 289 -13.70 18.97 -0.19
C ASN A 289 -15.17 18.73 0.08
N GLU A 290 -15.50 18.48 1.34
CA GLU A 290 -16.87 18.19 1.75
C GLU A 290 -17.88 19.15 1.15
N GLU A 291 -17.44 20.38 0.88
CA GLU A 291 -18.28 21.41 0.30
C GLU A 291 -18.77 21.06 -1.12
N LYS A 292 -17.86 20.66 -1.99
CA LYS A 292 -18.21 20.30 -3.37
C LYS A 292 -18.17 18.80 -3.57
N GLU A 293 -18.03 18.06 -2.47
CA GLU A 293 -17.95 16.61 -2.50
C GLU A 293 -18.94 15.96 -3.47
N LYS A 294 -20.19 16.40 -3.44
CA LYS A 294 -21.19 15.83 -4.35
C LYS A 294 -20.78 16.09 -5.79
N GLU A 295 -20.23 17.27 -6.04
CA GLU A 295 -19.76 17.67 -7.36
C GLU A 295 -18.64 16.73 -7.79
N LEU A 296 -17.61 16.68 -6.95
CA LEU A 296 -16.45 15.84 -7.17
C LEU A 296 -16.85 14.48 -7.73
N LEU A 297 -17.79 13.83 -7.06
CA LEU A 297 -18.26 12.52 -7.46
C LEU A 297 -18.81 12.48 -8.87
N LYS A 298 -19.83 13.31 -9.14
CA LYS A 298 -20.47 13.34 -10.45
C LYS A 298 -19.42 13.44 -11.56
N GLU A 299 -18.50 14.38 -11.43
CA GLU A 299 -17.47 14.55 -12.45
C GLU A 299 -16.57 13.34 -12.57
N LEU A 300 -16.16 12.82 -11.42
CA LEU A 300 -15.29 11.67 -11.40
C LEU A 300 -16.02 10.46 -11.97
N ASN A 301 -17.26 10.28 -11.51
CA ASN A 301 -18.07 9.16 -11.97
C ASN A 301 -18.27 9.15 -13.49
N LYS A 302 -18.22 10.32 -14.10
CA LYS A 302 -18.37 10.42 -15.54
C LYS A 302 -17.11 9.93 -16.22
N GLU A 303 -16.42 8.99 -15.58
CA GLU A 303 -15.17 8.47 -16.13
C GLU A 303 -15.01 6.96 -16.01
N ASP A 304 -14.17 6.42 -16.88
CA ASP A 304 -13.89 4.99 -16.89
C ASP A 304 -12.87 4.77 -15.79
N VAL A 305 -13.34 4.81 -14.55
CA VAL A 305 -12.47 4.66 -13.39
C VAL A 305 -13.19 4.02 -12.20
N ARG A 306 -12.40 3.54 -11.24
CA ARG A 306 -12.92 2.94 -10.02
C ARG A 306 -12.57 3.93 -8.91
N ILE A 307 -13.49 4.17 -8.00
CA ILE A 307 -13.29 5.11 -6.90
C ILE A 307 -13.47 4.42 -5.56
N PHE A 308 -12.76 4.89 -4.53
CA PHE A 308 -12.87 4.31 -3.19
C PHE A 308 -12.79 5.35 -2.07
N ASN A 309 -13.81 5.39 -1.20
CA ASN A 309 -13.79 6.32 -0.07
C ASN A 309 -12.80 5.78 0.94
N CYS A 310 -11.88 6.62 1.37
CA CYS A 310 -10.88 6.18 2.34
C CYS A 310 -10.29 7.28 3.21
N ARG A 311 -10.10 6.95 4.48
CA ARG A 311 -9.55 7.86 5.47
C ARG A 311 -8.28 7.22 6.02
N MET A 312 -7.45 8.01 6.69
CA MET A 312 -6.25 7.45 7.27
C MET A 312 -6.63 6.35 8.25
N MET A 313 -5.66 5.52 8.59
CA MET A 313 -5.85 4.40 9.51
C MET A 313 -4.87 4.57 10.66
N ASN A 314 -5.39 4.61 11.89
CA ASN A 314 -4.51 4.75 13.05
C ASN A 314 -4.39 3.43 13.78
N GLU A 315 -3.66 3.44 14.88
CA GLU A 315 -3.47 2.25 15.68
C GLU A 315 -4.74 1.93 16.48
#